data_5U1U
#
_entry.id   5U1U
#
_cell.length_a   169.566
_cell.length_b   169.566
_cell.length_c   169.566
_cell.angle_alpha   90.000
_cell.angle_beta   90.000
_cell.angle_gamma   90.000
#
_symmetry.space_group_name_H-M   'I 21 3'
#
loop_
_entity.id
_entity.type
_entity.pdbx_description
1 polymer 'P2X purinoceptor'
2 non-polymer 2-acetamido-2-deoxy-beta-D-glucopyranose
3 non-polymer "N-{(1R)-1-[N''-cyano-N'-(quinolin-5-yl)carbamimidamido]-2,2-dimethylpropyl}-2-(3,4-dimethoxyphenyl)acetamide"
#
_entity_poly.entity_id   1
_entity_poly.type   'polypeptide(L)'
_entity_poly.pdbx_seq_one_letter_code
;GSSTNYGTIKWIFHALVFSYISFALISDKRYQKKEPLISSVHTKVKGIAEVKAEILENGMKKMVSGVFDTADYTFPLQGN
SFFVMTNFIKTEGQQQGLCPDFPTARTICSSDRGCKKGRMDPQSKGIQTGRCVVYKERLKTCEVSAWCPIEEVKDAPRPA
LLNSAENFTVLIKNNIDFPGHNYTTRNILPGVNITCTFHKTQNPQCPIFRLGDIFQETGDSFSDVAIQGGIMGIEIYWDC
NLDGWFHHCRPKYSFRRLDDKTTSESLYPGYNFRYAKYYKENNVEKRTLIKVFGIRFDILVFGTGGKFNVIQLAVYIGSV
ISYFGLATVFIDILINTYSASS
;
_entity_poly.pdbx_strand_id   A
#
# COMPACT_ATOMS: atom_id res chain seq x y z
N HIS A 14 48.36 17.65 -19.66
CA HIS A 14 47.18 17.99 -20.46
C HIS A 14 46.52 16.74 -21.01
N ALA A 15 47.34 15.78 -21.46
CA ALA A 15 46.80 14.55 -22.05
C ALA A 15 45.94 13.78 -21.06
N LEU A 16 46.32 13.80 -19.77
CA LEU A 16 45.53 13.14 -18.75
C LEU A 16 44.20 13.85 -18.50
N VAL A 17 44.10 15.13 -18.82
CA VAL A 17 42.84 15.84 -18.69
C VAL A 17 41.91 15.46 -19.84
N PHE A 18 42.45 15.38 -21.06
CA PHE A 18 41.68 14.87 -22.19
C PHE A 18 41.19 13.45 -21.91
N SER A 19 42.08 12.60 -21.40
CA SER A 19 41.73 11.21 -21.12
C SER A 19 40.73 11.10 -19.98
N TYR A 20 40.84 11.96 -18.97
CA TYR A 20 39.83 11.99 -17.92
C TYR A 20 38.48 12.50 -18.45
N ILE A 21 38.53 13.33 -19.50
CA ILE A 21 37.30 13.75 -20.19
C ILE A 21 36.66 12.57 -20.89
N SER A 22 37.44 11.85 -21.72
CA SER A 22 36.89 10.69 -22.42
C SER A 22 36.35 9.66 -21.43
N PHE A 23 37.11 9.38 -20.37
CA PHE A 23 36.63 8.46 -19.34
C PHE A 23 35.38 9.00 -18.67
N ALA A 24 35.28 10.32 -18.48
CA ALA A 24 34.06 10.90 -17.93
C ALA A 24 32.88 10.67 -18.87
N LEU A 25 33.13 10.69 -20.17
CA LEU A 25 32.08 10.41 -21.15
C LEU A 25 31.61 8.96 -21.02
N ILE A 26 32.55 8.01 -21.07
CA ILE A 26 32.17 6.60 -21.04
C ILE A 26 31.54 6.23 -19.71
N SER A 27 32.04 6.81 -18.62
CA SER A 27 31.54 6.50 -17.28
C SER A 27 30.18 7.13 -17.02
N ASP A 28 29.97 8.37 -17.47
CA ASP A 28 28.66 8.98 -17.35
C ASP A 28 27.69 8.55 -18.45
N LYS A 29 28.19 7.85 -19.47
CA LYS A 29 27.37 7.39 -20.59
C LYS A 29 26.67 8.56 -21.27
N ARG A 30 27.38 9.69 -21.40
CA ARG A 30 26.81 10.87 -22.04
C ARG A 30 26.60 10.68 -23.54
N TYR A 31 27.33 9.74 -24.15
CA TYR A 31 27.16 9.48 -25.58
C TYR A 31 25.77 8.94 -25.88
N GLN A 32 25.14 8.30 -24.91
CA GLN A 32 23.81 7.75 -25.08
C GLN A 32 22.77 8.79 -24.66
N LYS A 33 21.61 8.74 -25.33
CA LYS A 33 20.50 9.64 -25.04
C LYS A 33 19.51 8.91 -24.14
N LYS A 34 19.29 9.44 -22.95
CA LYS A 34 18.36 8.82 -22.00
C LYS A 34 16.92 8.97 -22.49
N GLU A 35 16.15 7.89 -22.35
CA GLU A 35 14.75 7.87 -22.71
C GLU A 35 13.89 7.47 -21.52
N PRO A 36 12.70 8.07 -21.37
CA PRO A 36 11.85 7.73 -20.23
C PRO A 36 11.29 6.33 -20.37
N LEU A 37 10.73 5.84 -19.27
CA LEU A 37 10.33 4.44 -19.13
C LEU A 37 8.82 4.37 -19.01
N ILE A 38 8.21 3.46 -19.77
CA ILE A 38 6.77 3.19 -19.67
C ILE A 38 6.59 1.83 -19.02
N SER A 39 5.73 1.77 -17.99
CA SER A 39 5.54 0.56 -17.24
C SER A 39 4.06 0.25 -17.06
N SER A 40 3.71 -1.02 -17.25
CA SER A 40 2.40 -1.55 -16.93
C SER A 40 2.58 -2.77 -16.04
N VAL A 41 1.69 -2.91 -15.06
CA VAL A 41 1.84 -3.92 -14.02
C VAL A 41 0.58 -4.77 -13.95
N HIS A 42 0.77 -6.08 -13.89
CA HIS A 42 -0.31 -7.04 -13.68
C HIS A 42 0.15 -8.01 -12.60
N THR A 43 -0.61 -8.10 -11.51
CA THR A 43 -0.21 -8.89 -10.35
C THR A 43 -1.28 -9.91 -10.00
N LYS A 44 -0.83 -11.10 -9.62
CA LYS A 44 -1.71 -12.18 -9.18
C LYS A 44 -1.24 -12.66 -7.82
N VAL A 45 -2.13 -12.61 -6.83
CA VAL A 45 -1.80 -12.95 -5.45
C VAL A 45 -2.31 -14.36 -5.15
N LYS A 46 -1.48 -15.16 -4.49
CA LYS A 46 -1.77 -16.56 -4.23
C LYS A 46 -1.60 -16.87 -2.74
N GLY A 47 -2.51 -17.71 -2.23
CA GLY A 47 -2.52 -18.15 -0.85
C GLY A 47 -3.88 -18.01 -0.21
N ILE A 48 -4.10 -18.70 0.92
CA ILE A 48 -5.33 -18.57 1.69
C ILE A 48 -4.95 -18.48 3.17
N ALA A 49 -5.91 -18.05 3.98
CA ALA A 49 -5.67 -17.84 5.41
C ALA A 49 -6.82 -18.39 6.23
N GLU A 50 -6.49 -19.24 7.20
CA GLU A 50 -7.49 -19.78 8.12
C GLU A 50 -7.54 -18.91 9.36
N VAL A 51 -8.72 -18.39 9.68
CA VAL A 51 -8.92 -17.44 10.76
C VAL A 51 -9.73 -18.11 11.86
N LYS A 52 -9.11 -18.27 13.04
CA LYS A 52 -9.79 -18.77 14.23
C LYS A 52 -9.32 -17.92 15.39
N ALA A 53 -10.24 -17.11 15.94
CA ALA A 53 -9.87 -16.19 17.00
C ALA A 53 -11.12 -15.84 17.81
N GLU A 54 -10.87 -15.30 19.01
CA GLU A 54 -11.93 -14.83 19.89
C GLU A 54 -11.87 -13.31 19.95
N ILE A 55 -12.98 -12.66 19.60
CA ILE A 55 -13.06 -11.21 19.52
C ILE A 55 -14.18 -10.74 20.46
N LEU A 56 -13.85 -9.76 21.30
CA LEU A 56 -14.84 -9.18 22.20
C LEU A 56 -15.66 -8.13 21.47
N GLU A 57 -16.99 -8.31 21.47
CA GLU A 57 -17.90 -7.41 20.77
C GLU A 57 -18.97 -6.97 21.76
N ASN A 58 -19.09 -5.66 21.95
CA ASN A 58 -20.10 -5.07 22.84
C ASN A 58 -20.01 -5.67 24.24
N GLY A 59 -18.79 -5.89 24.71
CA GLY A 59 -18.57 -6.44 26.03
C GLY A 59 -18.86 -7.91 26.17
N MET A 60 -19.15 -8.61 25.08
CA MET A 60 -19.46 -10.03 25.11
C MET A 60 -18.51 -10.79 24.20
N LYS A 61 -17.99 -11.92 24.69
CA LYS A 61 -17.06 -12.71 23.90
C LYS A 61 -17.76 -13.32 22.70
N LYS A 62 -17.13 -13.21 21.53
CA LYS A 62 -17.64 -13.79 20.30
C LYS A 62 -16.52 -14.57 19.62
N MET A 63 -16.90 -15.50 18.75
CA MET A 63 -15.97 -16.38 18.07
C MET A 63 -15.97 -16.07 16.58
N VAL A 64 -14.80 -15.74 16.04
CA VAL A 64 -14.62 -15.48 14.62
C VAL A 64 -13.85 -16.65 14.03
N SER A 65 -14.46 -17.35 13.07
CA SER A 65 -13.84 -18.51 12.46
C SER A 65 -14.23 -18.57 10.99
N GLY A 66 -13.34 -19.14 10.18
CA GLY A 66 -13.61 -19.32 8.77
C GLY A 66 -12.33 -19.32 7.98
N VAL A 67 -12.48 -19.63 6.69
CA VAL A 67 -11.37 -19.67 5.75
C VAL A 67 -11.53 -18.53 4.76
N PHE A 68 -10.43 -17.82 4.49
CA PHE A 68 -10.40 -16.68 3.58
C PHE A 68 -9.55 -17.04 2.37
N ASP A 69 -10.18 -17.07 1.20
CA ASP A 69 -9.50 -17.29 -0.07
C ASP A 69 -9.25 -15.95 -0.77
N THR A 70 -8.70 -16.03 -1.98
CA THR A 70 -8.23 -14.83 -2.68
C THR A 70 -9.32 -13.76 -2.76
N ALA A 71 -10.53 -14.14 -3.15
CA ALA A 71 -11.60 -13.16 -3.32
C ALA A 71 -11.97 -12.46 -2.01
N ASP A 72 -11.66 -13.07 -0.87
CA ASP A 72 -12.11 -12.51 0.40
C ASP A 72 -11.20 -11.38 0.89
N TYR A 73 -9.89 -11.51 0.71
CA TYR A 73 -8.96 -10.56 1.32
C TYR A 73 -8.27 -9.62 0.34
N THR A 74 -8.62 -9.68 -0.95
CA THR A 74 -7.98 -8.77 -1.89
C THR A 74 -8.86 -8.58 -3.11
N PHE A 75 -8.44 -7.64 -3.94
CA PHE A 75 -9.11 -7.23 -5.17
C PHE A 75 -8.04 -6.86 -6.17
N PRO A 76 -8.38 -6.78 -7.46
CA PRO A 76 -7.35 -6.62 -8.48
C PRO A 76 -6.63 -5.28 -8.37
N LEU A 77 -5.36 -5.29 -8.79
CA LEU A 77 -4.53 -4.11 -8.70
C LEU A 77 -5.02 -3.03 -9.66
N GLN A 78 -5.00 -1.78 -9.19
CA GLN A 78 -5.35 -0.62 -9.99
C GLN A 78 -4.42 0.53 -9.61
N GLY A 79 -3.95 1.27 -10.61
CA GLY A 79 -3.01 2.34 -10.36
C GLY A 79 -1.65 1.84 -9.92
N ASN A 80 -1.23 0.68 -10.41
CA ASN A 80 0.07 0.09 -10.07
C ASN A 80 0.20 -0.15 -8.56
N SER A 81 -0.87 -0.64 -7.94
CA SER A 81 -0.87 -0.91 -6.51
C SER A 81 -2.02 -1.85 -6.18
N PHE A 82 -1.77 -2.78 -5.26
CA PHE A 82 -2.78 -3.72 -4.79
C PHE A 82 -2.78 -3.74 -3.27
N PHE A 83 -3.89 -4.24 -2.71
CA PHE A 83 -4.12 -4.20 -1.27
C PHE A 83 -4.44 -5.60 -0.76
N VAL A 84 -3.99 -5.89 0.46
CA VAL A 84 -4.24 -7.17 1.12
C VAL A 84 -4.78 -6.88 2.51
N MET A 85 -6.01 -7.32 2.78
CA MET A 85 -6.60 -7.12 4.09
C MET A 85 -5.95 -8.07 5.09
N THR A 86 -5.30 -7.50 6.12
CA THR A 86 -4.64 -8.31 7.13
C THR A 86 -5.45 -8.43 8.42
N ASN A 87 -6.38 -7.52 8.65
CA ASN A 87 -7.16 -7.52 9.88
C ASN A 87 -8.47 -6.80 9.61
N PHE A 88 -9.43 -6.96 10.50
CA PHE A 88 -10.72 -6.32 10.31
C PHE A 88 -11.47 -6.24 11.63
N ILE A 89 -12.46 -5.35 11.66
CA ILE A 89 -13.39 -5.20 12.78
C ILE A 89 -14.77 -5.00 12.19
N LYS A 90 -15.72 -5.86 12.56
CA LYS A 90 -17.03 -5.90 11.91
C LYS A 90 -18.11 -5.42 12.87
N THR A 91 -18.85 -4.39 12.46
CA THR A 91 -20.07 -3.96 13.10
C THR A 91 -21.24 -4.26 12.16
N GLU A 92 -22.24 -4.98 12.66
CA GLU A 92 -23.34 -5.42 11.82
C GLU A 92 -24.67 -4.85 12.32
N GLY A 93 -25.62 -4.71 11.40
CA GLY A 93 -26.97 -4.31 11.73
C GLY A 93 -27.20 -2.82 11.85
N GLN A 94 -26.25 -1.99 11.40
CA GLN A 94 -26.45 -0.54 11.47
C GLN A 94 -27.66 -0.12 10.66
N GLN A 95 -28.46 0.77 11.22
CA GLN A 95 -29.60 1.33 10.52
C GLN A 95 -29.74 2.80 10.89
N GLN A 96 -30.23 3.60 9.94
CA GLN A 96 -30.37 5.04 10.16
C GLN A 96 -31.32 5.29 11.32
N GLY A 97 -30.91 6.15 12.25
CA GLY A 97 -31.80 6.48 13.35
C GLY A 97 -31.10 7.33 14.40
N LEU A 98 -31.80 7.47 15.53
CA LEU A 98 -31.38 8.25 16.67
C LEU A 98 -30.82 7.34 17.75
N CYS A 99 -29.72 7.76 18.38
CA CYS A 99 -28.91 6.83 19.16
C CYS A 99 -27.78 7.53 19.91
N PRO A 100 -27.50 7.16 21.16
CA PRO A 100 -26.40 7.79 21.89
C PRO A 100 -25.05 7.44 21.27
N ASP A 101 -24.19 8.44 21.16
CA ASP A 101 -22.85 8.24 20.60
C ASP A 101 -22.02 7.35 21.54
N PHE A 102 -20.92 6.84 21.01
CA PHE A 102 -20.07 5.96 21.79
C PHE A 102 -19.33 6.78 22.85
N PRO A 103 -19.19 6.26 24.07
CA PRO A 103 -18.55 7.04 25.14
C PRO A 103 -17.07 7.27 24.87
N THR A 104 -16.69 8.55 24.77
CA THR A 104 -15.31 8.96 24.62
C THR A 104 -15.12 10.24 25.43
N ALA A 105 -13.90 10.79 25.38
CA ALA A 105 -13.62 12.03 26.10
C ALA A 105 -14.49 13.18 25.59
N ARG A 106 -14.80 13.19 24.30
CA ARG A 106 -15.61 14.26 23.71
C ARG A 106 -17.11 14.01 23.83
N THR A 107 -17.54 12.76 23.92
CA THR A 107 -18.96 12.43 23.83
C THR A 107 -19.67 12.43 25.17
N ILE A 108 -18.95 12.23 26.27
CA ILE A 108 -19.59 12.12 27.58
C ILE A 108 -20.22 13.47 27.95
N CYS A 109 -21.44 13.42 28.45
CA CYS A 109 -22.19 14.62 28.80
C CYS A 109 -22.73 14.48 30.21
N SER A 110 -22.73 15.59 30.95
CA SER A 110 -23.36 15.58 32.26
C SER A 110 -24.85 15.87 32.16
N SER A 111 -25.23 16.82 31.32
CA SER A 111 -26.62 17.21 31.13
C SER A 111 -26.83 17.59 29.68
N ASP A 112 -28.08 17.92 29.34
CA ASP A 112 -28.43 18.25 27.97
C ASP A 112 -27.73 19.52 27.49
N ARG A 113 -27.20 20.34 28.41
CA ARG A 113 -26.52 21.57 28.00
C ARG A 113 -25.20 21.28 27.30
N GLY A 114 -24.58 20.13 27.60
CA GLY A 114 -23.29 19.83 27.00
C GLY A 114 -23.36 19.54 25.51
N CYS A 115 -24.53 19.08 25.04
CA CYS A 115 -24.72 18.73 23.64
C CYS A 115 -25.46 19.84 22.92
N LYS A 116 -24.88 20.31 21.82
CA LYS A 116 -25.51 21.31 20.97
C LYS A 116 -26.18 20.62 19.79
N LYS A 117 -27.46 20.92 19.58
CA LYS A 117 -28.23 20.26 18.52
C LYS A 117 -27.66 20.64 17.16
N GLY A 118 -27.20 19.64 16.42
CA GLY A 118 -26.62 19.84 15.11
C GLY A 118 -25.11 19.82 15.08
N ARG A 119 -24.45 19.77 16.24
CA ARG A 119 -23.00 19.82 16.30
C ARG A 119 -22.39 18.57 15.70
N MET A 120 -21.43 18.75 14.80
CA MET A 120 -20.71 17.65 14.17
C MET A 120 -19.29 17.62 14.72
N ASP A 121 -18.90 16.46 15.25
CA ASP A 121 -17.57 16.29 15.82
C ASP A 121 -16.71 15.41 14.90
N PRO A 122 -15.43 15.73 14.73
CA PRO A 122 -14.60 14.94 13.81
C PRO A 122 -14.51 13.47 14.18
N GLN A 123 -14.39 13.15 15.48
CA GLN A 123 -14.37 11.75 15.89
C GLN A 123 -15.75 11.12 15.81
N SER A 124 -16.80 11.91 15.99
CA SER A 124 -18.16 11.39 15.93
C SER A 124 -18.56 11.07 14.48
N LYS A 125 -19.34 10.01 14.33
CA LYS A 125 -19.85 9.60 13.03
C LYS A 125 -21.26 10.10 12.75
N GLY A 126 -21.83 10.89 13.66
CA GLY A 126 -23.21 11.34 13.49
C GLY A 126 -23.41 12.74 14.02
N ILE A 127 -24.53 13.33 13.62
CA ILE A 127 -24.88 14.69 14.05
C ILE A 127 -25.60 14.62 15.39
N GLN A 128 -25.15 15.43 16.34
CA GLN A 128 -25.76 15.48 17.65
C GLN A 128 -27.20 15.97 17.55
N THR A 129 -28.05 15.48 18.46
CA THR A 129 -29.43 15.90 18.56
C THR A 129 -29.67 16.91 19.67
N GLY A 130 -28.61 17.34 20.36
CA GLY A 130 -28.76 18.29 21.45
C GLY A 130 -29.26 17.71 22.75
N ARG A 131 -29.35 16.38 22.85
CA ARG A 131 -29.81 15.72 24.07
C ARG A 131 -28.70 14.85 24.65
N CYS A 132 -28.72 14.72 25.97
CA CYS A 132 -27.72 13.94 26.70
C CYS A 132 -28.44 12.73 27.28
N VAL A 133 -28.10 11.54 26.80
CA VAL A 133 -28.85 10.35 27.17
C VAL A 133 -27.90 9.26 27.64
N VAL A 134 -28.47 8.27 28.34
CA VAL A 134 -27.67 7.20 28.90
C VAL A 134 -27.24 6.25 27.78
N TYR A 135 -25.97 5.88 27.78
CA TYR A 135 -25.42 4.83 26.93
C TYR A 135 -25.50 3.47 27.63
N LYS A 136 -25.00 3.38 28.85
CA LYS A 136 -25.07 2.16 29.65
C LYS A 136 -24.77 2.45 31.11
N GLU A 137 -25.70 2.09 32.00
CA GLU A 137 -25.49 2.13 33.46
C GLU A 137 -25.16 3.55 33.92
N ARG A 138 -26.10 4.46 33.67
CA ARG A 138 -26.04 5.84 34.17
C ARG A 138 -24.78 6.57 33.70
N LEU A 139 -24.24 6.19 32.54
CA LEU A 139 -23.12 6.89 31.92
C LEU A 139 -23.66 7.48 30.63
N LYS A 140 -23.70 8.81 30.56
CA LYS A 140 -24.45 9.52 29.52
C LYS A 140 -23.50 10.05 28.44
N THR A 141 -23.89 9.83 27.18
CA THR A 141 -23.22 10.42 26.02
C THR A 141 -24.22 11.30 25.28
N CYS A 142 -23.68 12.15 24.41
CA CYS A 142 -24.50 13.05 23.61
C CYS A 142 -25.19 12.26 22.51
N GLU A 143 -26.51 12.34 22.45
CA GLU A 143 -27.27 11.57 21.48
C GLU A 143 -27.06 12.13 20.09
N VAL A 144 -26.90 11.24 19.10
CA VAL A 144 -26.58 11.61 17.73
C VAL A 144 -27.55 10.91 16.78
N SER A 145 -27.55 11.39 15.54
CA SER A 145 -28.34 10.83 14.44
C SER A 145 -27.39 10.26 13.41
N ALA A 146 -27.42 8.95 13.22
CA ALA A 146 -26.48 8.31 12.30
C ALA A 146 -26.90 6.87 12.09
N TRP A 147 -26.00 6.09 11.49
CA TRP A 147 -26.17 4.65 11.37
C TRP A 147 -25.87 4.02 12.73
N CYS A 148 -26.82 3.26 13.25
CA CYS A 148 -26.71 2.78 14.62
C CYS A 148 -27.10 1.33 14.85
N PRO A 149 -26.53 0.72 15.90
CA PRO A 149 -25.63 1.32 16.92
C PRO A 149 -24.30 1.84 16.39
N ILE A 150 -23.81 2.95 16.96
CA ILE A 150 -22.51 3.49 16.58
C ILE A 150 -21.45 2.42 16.69
N GLU A 151 -20.57 2.37 15.69
CA GLU A 151 -19.45 1.43 15.75
C GLU A 151 -18.61 1.71 16.99
N GLU A 152 -18.08 0.64 17.58
CA GLU A 152 -17.26 0.78 18.78
C GLU A 152 -16.00 1.57 18.48
N VAL A 153 -15.59 2.39 19.45
CA VAL A 153 -14.26 2.98 19.44
C VAL A 153 -13.40 2.03 20.25
N LYS A 154 -12.75 1.10 19.55
CA LYS A 154 -11.95 0.06 20.18
C LYS A 154 -10.71 -0.22 19.35
N ASP A 155 -9.73 -0.81 20.00
CA ASP A 155 -8.49 -1.15 19.33
C ASP A 155 -8.68 -2.35 18.41
N ALA A 156 -7.77 -2.48 17.45
CA ALA A 156 -7.78 -3.61 16.54
C ALA A 156 -7.50 -4.90 17.32
N PRO A 157 -7.84 -6.05 16.74
CA PRO A 157 -7.49 -7.33 17.40
C PRO A 157 -6.01 -7.41 17.72
N ARG A 158 -5.71 -7.87 18.93
CA ARG A 158 -4.31 -7.91 19.37
C ARG A 158 -3.46 -8.79 18.47
N PRO A 159 -3.87 -10.01 18.09
CA PRO A 159 -3.25 -10.63 16.90
C PRO A 159 -4.13 -10.41 15.68
N ALA A 160 -3.53 -9.94 14.58
CA ALA A 160 -4.30 -9.71 13.36
C ALA A 160 -5.01 -10.99 12.93
N LEU A 161 -6.30 -10.87 12.63
CA LEU A 161 -7.09 -12.06 12.30
C LEU A 161 -6.52 -12.79 11.09
N LEU A 162 -6.11 -12.05 10.07
CA LEU A 162 -5.41 -12.66 8.94
C LEU A 162 -3.90 -12.47 9.10
N ASN A 163 -3.39 -12.98 10.22
CA ASN A 163 -1.97 -12.89 10.50
C ASN A 163 -1.14 -13.75 9.56
N SER A 164 -1.77 -14.71 8.88
CA SER A 164 -1.07 -15.48 7.85
C SER A 164 -0.70 -14.63 6.64
N ALA A 165 -0.95 -13.32 6.69
CA ALA A 165 -0.73 -12.47 5.52
C ALA A 165 0.73 -12.45 5.11
N GLU A 166 1.64 -12.75 6.03
CA GLU A 166 3.06 -12.78 5.69
C GLU A 166 3.45 -14.00 4.88
N ASN A 167 2.62 -15.05 4.86
CA ASN A 167 2.94 -16.26 4.11
C ASN A 167 2.45 -16.23 2.67
N PHE A 168 1.51 -15.36 2.33
CA PHE A 168 1.02 -15.27 0.97
C PHE A 168 2.15 -14.90 0.00
N THR A 169 1.95 -15.23 -1.27
CA THR A 169 2.93 -14.91 -2.30
C THR A 169 2.29 -14.05 -3.38
N VAL A 170 3.01 -13.02 -3.81
CA VAL A 170 2.54 -12.12 -4.85
C VAL A 170 3.40 -12.35 -6.09
N LEU A 171 2.74 -12.51 -7.23
CA LEU A 171 3.40 -12.58 -8.53
C LEU A 171 3.22 -11.25 -9.23
N ILE A 172 4.34 -10.62 -9.58
CA ILE A 172 4.36 -9.33 -10.26
C ILE A 172 4.81 -9.55 -11.70
N LYS A 173 4.04 -9.03 -12.65
CA LYS A 173 4.37 -9.10 -14.08
C LYS A 173 4.43 -7.67 -14.61
N ASN A 174 5.62 -7.25 -15.04
CA ASN A 174 5.86 -5.87 -15.44
C ASN A 174 6.27 -5.83 -16.90
N ASN A 175 5.58 -5.00 -17.68
CA ASN A 175 5.94 -4.76 -19.08
C ASN A 175 6.44 -3.32 -19.19
N ILE A 176 7.62 -3.15 -19.76
CA ILE A 176 8.18 -1.82 -19.95
C ILE A 176 8.39 -1.59 -21.44
N ASP A 177 8.18 -0.35 -21.86
CA ASP A 177 8.40 0.06 -23.24
C ASP A 177 9.10 1.40 -23.24
N PHE A 178 10.08 1.53 -24.13
CA PHE A 178 10.72 2.80 -24.46
C PHE A 178 10.28 3.19 -25.86
N PRO A 179 9.51 4.28 -26.01
CA PRO A 179 8.98 4.65 -27.33
C PRO A 179 10.03 5.28 -28.23
N GLY A 180 10.92 6.09 -27.64
CA GLY A 180 11.93 6.75 -28.43
C GLY A 180 12.87 5.79 -29.13
N HIS A 181 13.18 4.67 -28.47
CA HIS A 181 14.02 3.64 -29.05
C HIS A 181 13.23 2.47 -29.62
N ASN A 182 11.91 2.47 -29.48
CA ASN A 182 11.06 1.39 -29.99
C ASN A 182 11.52 0.05 -29.44
N TYR A 183 11.61 -0.04 -28.12
CA TYR A 183 12.09 -1.26 -27.47
C TYR A 183 11.14 -1.67 -26.37
N THR A 184 10.64 -2.90 -26.44
CA THR A 184 9.66 -3.41 -25.49
C THR A 184 10.17 -4.70 -24.88
N THR A 185 10.10 -4.79 -23.55
CA THR A 185 10.48 -6.04 -22.89
C THR A 185 9.65 -6.19 -21.62
N ARG A 186 9.51 -7.42 -21.16
CA ARG A 186 8.70 -7.73 -19.99
C ARG A 186 9.59 -8.20 -18.84
N ASN A 187 9.01 -8.16 -17.63
CA ASN A 187 9.74 -8.56 -16.44
C ASN A 187 10.14 -10.03 -16.50
N ILE A 188 9.21 -10.89 -16.92
CA ILE A 188 9.46 -12.32 -16.97
C ILE A 188 9.97 -12.66 -18.37
N LEU A 189 11.23 -13.09 -18.45
CA LEU A 189 11.77 -13.55 -19.71
C LEU A 189 11.20 -14.93 -20.05
N PRO A 190 11.11 -15.29 -21.33
CA PRO A 190 10.57 -16.60 -21.68
C PRO A 190 11.55 -17.72 -21.34
N GLY A 191 10.99 -18.82 -20.80
CA GLY A 191 11.77 -19.98 -20.45
C GLY A 191 12.26 -20.02 -19.02
N VAL A 192 12.11 -18.92 -18.26
CA VAL A 192 12.58 -18.90 -16.88
C VAL A 192 11.75 -19.85 -16.03
N ASN A 193 12.41 -20.59 -15.15
CA ASN A 193 11.72 -21.46 -14.22
C ASN A 193 10.83 -20.63 -13.30
N ILE A 194 9.51 -20.82 -13.41
CA ILE A 194 8.58 -20.00 -12.66
C ILE A 194 8.60 -20.34 -11.18
N THR A 195 8.88 -21.59 -10.84
CA THR A 195 8.90 -22.03 -9.44
C THR A 195 10.13 -21.46 -8.75
N CYS A 196 9.92 -20.41 -7.97
CA CYS A 196 10.99 -19.76 -7.22
C CYS A 196 10.35 -18.82 -6.21
N THR A 197 11.11 -18.53 -5.15
CA THR A 197 10.76 -17.50 -4.18
C THR A 197 11.87 -16.45 -4.21
N PHE A 198 11.48 -15.19 -4.37
CA PHE A 198 12.46 -14.12 -4.54
C PHE A 198 13.39 -14.04 -3.35
N HIS A 199 14.69 -13.91 -3.63
CA HIS A 199 15.71 -13.72 -2.63
C HIS A 199 16.70 -12.68 -3.13
N LYS A 200 17.30 -11.94 -2.19
CA LYS A 200 18.21 -10.88 -2.59
C LYS A 200 19.39 -11.42 -3.39
N THR A 201 19.90 -12.59 -3.01
CA THR A 201 21.03 -13.21 -3.67
C THR A 201 20.68 -14.48 -4.43
N GLN A 202 19.75 -15.29 -3.91
CA GLN A 202 19.46 -16.58 -4.53
C GLN A 202 18.62 -16.44 -5.80
N ASN A 203 17.63 -15.55 -5.78
CA ASN A 203 16.71 -15.38 -6.92
C ASN A 203 16.43 -13.91 -7.11
N PRO A 204 17.37 -13.17 -7.72
CA PRO A 204 17.14 -11.73 -7.91
C PRO A 204 16.12 -11.41 -8.98
N GLN A 205 15.92 -12.30 -9.95
CA GLN A 205 14.98 -12.06 -11.04
C GLN A 205 13.64 -12.75 -10.82
N CYS A 206 13.46 -13.44 -9.70
CA CYS A 206 12.22 -14.17 -9.46
C CYS A 206 11.08 -13.18 -9.22
N PRO A 207 9.92 -13.36 -9.88
CA PRO A 207 8.78 -12.46 -9.67
C PRO A 207 7.80 -12.92 -8.60
N ILE A 208 8.11 -13.96 -7.83
CA ILE A 208 7.25 -14.42 -6.74
C ILE A 208 7.87 -13.96 -5.43
N PHE A 209 7.14 -13.11 -4.71
CA PHE A 209 7.63 -12.55 -3.45
C PHE A 209 6.71 -12.95 -2.32
N ARG A 210 7.26 -13.55 -1.28
CA ARG A 210 6.52 -13.70 -0.03
C ARG A 210 6.40 -12.34 0.64
N LEU A 211 5.22 -12.06 1.20
CA LEU A 211 5.01 -10.78 1.87
C LEU A 211 5.93 -10.65 3.08
N GLY A 212 6.04 -11.72 3.88
CA GLY A 212 6.95 -11.70 5.00
C GLY A 212 8.40 -11.54 4.58
N ASP A 213 8.77 -12.05 3.40
CA ASP A 213 10.10 -11.77 2.87
C ASP A 213 10.29 -10.28 2.63
N ILE A 214 9.28 -9.62 2.05
CA ILE A 214 9.38 -8.20 1.77
C ILE A 214 9.50 -7.40 3.06
N PHE A 215 8.76 -7.80 4.09
CA PHE A 215 8.86 -7.10 5.36
C PHE A 215 10.17 -7.39 6.09
N GLN A 216 10.74 -8.58 5.89
CA GLN A 216 12.04 -8.85 6.47
C GLN A 216 13.13 -8.05 5.79
N GLU A 217 13.02 -7.87 4.47
CA GLU A 217 13.99 -7.06 3.73
C GLU A 217 13.95 -5.61 4.20
N THR A 218 12.75 -5.05 4.35
CA THR A 218 12.60 -3.67 4.80
C THR A 218 12.84 -3.51 6.30
N GLY A 219 13.07 -4.60 7.03
CA GLY A 219 13.37 -4.53 8.45
C GLY A 219 12.19 -4.29 9.35
N ASP A 220 10.97 -4.31 8.83
CA ASP A 220 9.77 -4.08 9.63
C ASP A 220 9.07 -5.39 9.91
N SER A 221 8.78 -5.64 11.19
CA SER A 221 8.06 -6.85 11.56
C SER A 221 6.68 -6.85 10.92
N PHE A 222 6.32 -7.98 10.29
CA PHE A 222 5.08 -8.03 9.53
C PHE A 222 3.87 -7.95 10.45
N SER A 223 3.90 -8.66 11.58
CA SER A 223 2.72 -8.76 12.44
C SER A 223 2.28 -7.38 12.93
N ASP A 224 3.23 -6.57 13.39
CA ASP A 224 2.91 -5.25 13.91
C ASP A 224 2.22 -4.40 12.87
N VAL A 225 2.76 -4.37 11.65
CA VAL A 225 2.13 -3.61 10.57
C VAL A 225 0.76 -4.19 10.24
N ALA A 226 0.63 -5.53 10.33
CA ALA A 226 -0.61 -6.19 9.95
C ALA A 226 -1.73 -5.95 10.96
N ILE A 227 -1.41 -5.61 12.21
CA ILE A 227 -2.46 -5.38 13.20
C ILE A 227 -3.31 -4.18 12.82
N GLN A 228 -2.66 -3.04 12.57
CA GLN A 228 -3.36 -1.79 12.29
C GLN A 228 -3.25 -1.34 10.84
N GLY A 229 -2.54 -2.09 10.00
CA GLY A 229 -2.42 -1.74 8.60
C GLY A 229 -1.23 -0.83 8.32
N GLY A 230 -0.78 -0.88 7.07
CA GLY A 230 0.34 -0.07 6.64
C GLY A 230 0.40 -0.01 5.13
N ILE A 231 1.38 0.74 4.63
CA ILE A 231 1.60 0.89 3.20
C ILE A 231 3.03 0.47 2.90
N MET A 232 3.17 -0.57 2.08
CA MET A 232 4.47 -1.06 1.63
C MET A 232 4.67 -0.71 0.17
N GLY A 233 5.94 -0.66 -0.22
CA GLY A 233 6.29 -0.27 -1.58
C GLY A 233 7.36 -1.13 -2.21
N ILE A 234 7.07 -1.61 -3.42
CA ILE A 234 7.96 -2.47 -4.19
C ILE A 234 8.53 -1.65 -5.34
N GLU A 235 9.85 -1.55 -5.39
CA GLU A 235 10.55 -0.77 -6.41
C GLU A 235 11.17 -1.71 -7.45
N ILE A 236 10.91 -1.42 -8.72
CA ILE A 236 11.46 -2.16 -9.85
C ILE A 236 12.29 -1.17 -10.66
N TYR A 237 13.59 -1.42 -10.78
CA TYR A 237 14.50 -0.52 -11.48
C TYR A 237 14.88 -1.13 -12.82
N TRP A 238 14.86 -0.32 -13.86
CA TRP A 238 15.35 -0.73 -15.17
C TRP A 238 16.47 0.22 -15.59
N ASP A 239 17.71 -0.28 -15.57
CA ASP A 239 18.83 0.44 -16.16
C ASP A 239 19.16 -0.29 -17.46
N CYS A 240 18.69 0.26 -18.57
CA CYS A 240 18.69 -0.44 -19.84
C CYS A 240 19.57 0.28 -20.86
N ASN A 241 20.34 -0.50 -21.60
CA ASN A 241 21.24 -0.03 -22.64
C ASN A 241 20.86 -0.67 -23.96
N LEU A 242 20.62 0.16 -24.98
CA LEU A 242 20.12 -0.31 -26.26
C LEU A 242 21.21 -0.60 -27.28
N ASP A 243 22.46 -0.22 -27.02
CA ASP A 243 23.54 -0.50 -27.95
C ASP A 243 23.80 -2.00 -28.03
N GLY A 244 24.02 -2.51 -29.25
CA GLY A 244 24.18 -3.93 -29.46
C GLY A 244 25.47 -4.51 -28.91
N TRP A 245 26.48 -3.66 -28.68
CA TRP A 245 27.76 -4.10 -28.16
C TRP A 245 27.83 -4.05 -26.64
N PHE A 246 26.86 -3.43 -25.98
CA PHE A 246 26.75 -3.46 -24.53
C PHE A 246 25.29 -3.36 -24.12
N HIS A 247 24.57 -4.47 -24.15
CA HIS A 247 23.12 -4.47 -24.04
C HIS A 247 22.70 -5.25 -22.79
N HIS A 248 21.93 -4.61 -21.92
CA HIS A 248 21.40 -5.26 -20.72
C HIS A 248 20.21 -4.45 -20.24
N CYS A 249 19.06 -5.11 -20.10
CA CYS A 249 17.81 -4.44 -19.75
C CYS A 249 17.05 -5.33 -18.75
N ARG A 250 17.54 -5.40 -17.52
CA ARG A 250 16.94 -6.25 -16.51
C ARG A 250 16.50 -5.44 -15.29
N PRO A 251 15.51 -5.93 -14.53
CA PRO A 251 15.04 -5.16 -13.37
C PRO A 251 15.78 -5.50 -12.10
N LYS A 252 15.76 -4.53 -11.18
CA LYS A 252 16.35 -4.66 -9.86
C LYS A 252 15.26 -4.40 -8.85
N TYR A 253 14.97 -5.40 -8.03
CA TYR A 253 13.89 -5.31 -7.05
C TYR A 253 14.44 -4.82 -5.72
N SER A 254 13.81 -3.77 -5.18
CA SER A 254 14.10 -3.29 -3.84
C SER A 254 12.77 -3.06 -3.13
N PHE A 255 12.82 -2.99 -1.79
CA PHE A 255 11.62 -2.86 -0.99
C PHE A 255 11.78 -1.73 0.01
N ARG A 256 10.76 -0.89 0.12
CA ARG A 256 10.80 0.27 1.00
C ARG A 256 9.43 0.46 1.63
N ARG A 257 9.41 0.83 2.91
CA ARG A 257 8.15 1.07 3.62
C ARG A 257 7.77 2.53 3.43
N LEU A 258 6.70 2.76 2.66
CA LEU A 258 6.19 4.09 2.37
C LEU A 258 5.31 4.64 3.50
N ASP A 259 4.78 3.78 4.36
CA ASP A 259 3.96 4.22 5.47
C ASP A 259 4.76 5.14 6.39
N ASP A 260 4.10 6.21 6.85
CA ASP A 260 4.79 7.21 7.66
C ASP A 260 5.05 6.74 9.09
N LYS A 261 4.21 5.84 9.61
CA LYS A 261 4.32 5.34 10.98
C LYS A 261 4.30 6.51 11.98
N THR A 262 3.32 7.40 11.80
CA THR A 262 3.20 8.58 12.66
C THR A 262 2.83 8.20 14.10
N THR A 263 2.01 7.16 14.28
CA THR A 263 1.60 6.68 15.60
C THR A 263 0.94 7.80 16.42
N SER A 264 0.17 8.65 15.74
CA SER A 264 -0.56 9.74 16.38
C SER A 264 -2.01 9.68 15.93
N GLU A 265 -2.94 9.75 16.89
CA GLU A 265 -4.35 9.61 16.58
C GLU A 265 -4.83 10.68 15.59
N SER A 266 -4.20 11.86 15.60
CA SER A 266 -4.63 12.92 14.71
C SER A 266 -4.19 12.67 13.27
N LEU A 267 -3.06 11.99 13.08
CA LEU A 267 -2.51 11.76 11.75
C LEU A 267 -3.08 10.51 11.08
N TYR A 268 -4.08 9.86 11.70
CA TYR A 268 -4.69 8.64 11.18
C TYR A 268 -3.61 7.61 10.88
N PRO A 269 -3.03 7.00 11.90
CA PRO A 269 -1.89 6.09 11.67
C PRO A 269 -2.34 4.77 11.08
N GLY A 270 -1.43 4.14 10.34
CA GLY A 270 -1.74 2.89 9.67
C GLY A 270 -2.60 3.12 8.44
N TYR A 271 -2.98 2.02 7.81
CA TYR A 271 -3.82 2.05 6.61
C TYR A 271 -5.07 1.21 6.87
N ASN A 272 -6.23 1.86 6.80
CA ASN A 272 -7.50 1.20 7.05
C ASN A 272 -8.60 2.05 6.45
N PHE A 273 -9.69 1.40 6.03
CA PHE A 273 -10.80 2.12 5.42
C PHE A 273 -12.12 1.51 5.86
N ARG A 274 -13.17 2.32 5.79
CA ARG A 274 -14.50 1.94 6.25
C ARG A 274 -15.31 1.39 5.07
N TYR A 275 -15.65 0.11 5.13
CA TYR A 275 -16.42 -0.55 4.09
C TYR A 275 -17.89 -0.61 4.50
N ALA A 276 -18.78 -0.36 3.54
CA ALA A 276 -20.21 -0.33 3.78
C ALA A 276 -20.90 -1.35 2.88
N LYS A 277 -21.63 -2.29 3.48
CA LYS A 277 -22.44 -3.26 2.76
C LYS A 277 -23.90 -3.02 3.09
N TYR A 278 -24.72 -2.78 2.07
CA TYR A 278 -26.10 -2.35 2.27
C TYR A 278 -27.05 -3.51 2.04
N TYR A 279 -28.01 -3.68 2.95
CA TYR A 279 -29.03 -4.71 2.77
C TYR A 279 -30.33 -4.20 3.40
N LYS A 280 -31.43 -4.90 3.09
CA LYS A 280 -32.75 -4.57 3.62
C LYS A 280 -33.28 -5.75 4.42
N GLU A 281 -33.74 -5.47 5.64
CA GLU A 281 -34.27 -6.52 6.51
C GLU A 281 -35.55 -6.04 7.17
N ASN A 282 -36.59 -6.88 7.11
CA ASN A 282 -37.90 -6.56 7.68
C ASN A 282 -38.40 -5.21 7.19
N ASN A 283 -38.23 -4.97 5.88
CA ASN A 283 -38.63 -3.72 5.24
C ASN A 283 -37.94 -2.52 5.87
N VAL A 284 -36.67 -2.70 6.23
CA VAL A 284 -35.86 -1.64 6.84
C VAL A 284 -34.54 -1.55 6.10
N GLU A 285 -34.16 -0.33 5.73
CA GLU A 285 -32.84 -0.07 5.17
C GLU A 285 -31.78 -0.24 6.26
N LYS A 286 -30.80 -1.09 6.00
CA LYS A 286 -29.78 -1.43 6.98
C LYS A 286 -28.41 -1.49 6.31
N ARG A 287 -27.38 -1.31 7.14
CA ARG A 287 -26.00 -1.33 6.68
C ARG A 287 -25.16 -2.15 7.64
N THR A 288 -24.17 -2.85 7.08
CA THR A 288 -23.11 -3.50 7.84
C THR A 288 -21.80 -2.77 7.54
N LEU A 289 -21.15 -2.29 8.59
CA LEU A 289 -19.92 -1.51 8.49
C LEU A 289 -18.74 -2.38 8.88
N ILE A 290 -17.84 -2.60 7.94
CA ILE A 290 -16.65 -3.43 8.15
C ILE A 290 -15.42 -2.52 8.06
N LYS A 291 -14.79 -2.27 9.21
CA LYS A 291 -13.53 -1.54 9.24
C LYS A 291 -12.41 -2.47 8.78
N VAL A 292 -11.78 -2.13 7.67
CA VAL A 292 -10.81 -2.99 7.00
C VAL A 292 -9.41 -2.47 7.27
N PHE A 293 -8.59 -3.32 7.88
CA PHE A 293 -7.17 -3.07 8.12
C PHE A 293 -6.36 -3.93 7.18
N GLY A 294 -5.35 -3.33 6.53
CA GLY A 294 -4.56 -4.12 5.61
C GLY A 294 -3.33 -3.38 5.15
N ILE A 295 -2.55 -4.08 4.31
CA ILE A 295 -1.29 -3.58 3.80
C ILE A 295 -1.44 -3.36 2.31
N ARG A 296 -1.31 -2.11 1.88
CA ARG A 296 -1.39 -1.75 0.47
C ARG A 296 0.02 -1.70 -0.10
N PHE A 297 0.25 -2.47 -1.16
CA PHE A 297 1.56 -2.55 -1.80
C PHE A 297 1.60 -1.66 -3.04
N ASP A 298 2.52 -0.69 -3.03
CA ASP A 298 2.71 0.21 -4.16
C ASP A 298 3.88 -0.28 -5.00
N ILE A 299 3.61 -0.55 -6.28
CA ILE A 299 4.64 -1.00 -7.21
C ILE A 299 5.13 0.20 -8.00
N LEU A 300 6.41 0.53 -7.81
CA LEU A 300 7.03 1.69 -8.42
C LEU A 300 8.07 1.23 -9.42
N VAL A 301 7.88 1.57 -10.69
CA VAL A 301 8.79 1.16 -11.76
C VAL A 301 9.35 2.42 -12.42
N PHE A 302 10.66 2.44 -12.61
CA PHE A 302 11.34 3.58 -13.21
C PHE A 302 12.51 3.05 -14.03
N GLY A 303 12.87 3.80 -15.08
CA GLY A 303 13.93 3.33 -15.95
C GLY A 303 14.41 4.39 -16.90
N THR A 304 15.59 4.13 -17.47
CA THR A 304 16.21 4.98 -18.46
C THR A 304 16.68 4.12 -19.62
N GLY A 305 16.38 4.56 -20.85
CA GLY A 305 16.78 3.84 -22.04
C GLY A 305 17.96 4.51 -22.70
N GLY A 306 19.03 3.75 -22.89
CA GLY A 306 20.25 4.32 -23.42
C GLY A 306 20.70 3.78 -24.76
N LYS A 307 20.81 4.66 -25.75
CA LYS A 307 21.30 4.31 -27.08
C LYS A 307 22.23 5.42 -27.56
N PHE A 308 23.19 5.05 -28.40
CA PHE A 308 24.18 6.00 -28.89
C PHE A 308 23.52 7.06 -29.75
N ASN A 309 23.68 8.32 -29.36
CA ASN A 309 23.14 9.46 -30.10
C ASN A 309 24.28 10.29 -30.65
N VAL A 310 24.24 10.57 -31.95
CA VAL A 310 25.36 11.27 -32.59
C VAL A 310 25.38 12.74 -32.18
N ILE A 311 24.21 13.38 -32.12
CA ILE A 311 24.16 14.80 -31.82
C ILE A 311 24.61 15.06 -30.39
N GLN A 312 24.18 14.22 -29.45
CA GLN A 312 24.63 14.35 -28.06
C GLN A 312 26.15 14.25 -27.98
N LEU A 313 26.74 13.30 -28.70
CA LEU A 313 28.20 13.19 -28.75
C LEU A 313 28.82 14.43 -29.38
N ALA A 314 28.15 15.06 -30.34
CA ALA A 314 28.69 16.26 -30.96
C ALA A 314 28.68 17.44 -30.01
N VAL A 315 27.64 17.56 -29.20
CA VAL A 315 27.58 18.63 -28.20
C VAL A 315 28.62 18.40 -27.12
N TYR A 316 28.72 17.16 -26.62
CA TYR A 316 29.75 16.84 -25.62
C TYR A 316 31.14 17.15 -26.16
N ILE A 317 31.44 16.68 -27.37
CA ILE A 317 32.71 17.00 -28.01
C ILE A 317 32.90 18.51 -28.08
N GLY A 318 31.82 19.23 -28.41
CA GLY A 318 31.90 20.68 -28.46
C GLY A 318 32.33 21.31 -27.16
N SER A 319 31.81 20.79 -26.04
CA SER A 319 32.27 21.29 -24.75
C SER A 319 33.73 20.92 -24.50
N VAL A 320 34.06 19.64 -24.66
CA VAL A 320 35.36 19.14 -24.24
C VAL A 320 36.49 19.58 -25.15
N ILE A 321 36.18 20.21 -26.29
CA ILE A 321 37.25 20.74 -27.13
C ILE A 321 37.78 22.04 -26.54
N SER A 322 36.89 22.93 -26.09
CA SER A 322 37.33 24.15 -25.43
C SER A 322 37.86 23.86 -24.04
N TYR A 323 37.14 23.04 -23.26
CA TYR A 323 37.70 22.56 -22.00
C TYR A 323 39.06 21.92 -22.24
N PHE A 324 39.23 21.31 -23.41
CA PHE A 324 40.47 20.60 -23.72
C PHE A 324 41.61 21.57 -23.99
N GLY A 325 41.37 22.58 -24.83
CA GLY A 325 42.44 23.50 -25.21
C GLY A 325 43.02 24.27 -24.05
N LEU A 326 42.23 24.49 -22.99
CA LEU A 326 42.71 25.27 -21.86
C LEU A 326 43.78 24.54 -21.07
N ALA A 327 43.74 23.20 -21.07
CA ALA A 327 44.70 22.40 -20.32
C ALA A 327 46.11 22.57 -20.87
#